data_4JHP
#
_entry.id   4JHP
#
_cell.length_a   133.830
_cell.length_b   58.780
_cell.length_c   92.110
_cell.angle_alpha   90.00
_cell.angle_beta   123.32
_cell.angle_gamma   90.00
#
_symmetry.space_group_name_H-M   'C 1 2 1'
#
loop_
_entity.id
_entity.type
_entity.pdbx_description
1 polymer "Retinal rod rhodopsin-sensitive cGMP 3',5'-cyclic phosphodiesterase subunit delta"
2 polymer 'X-linked retinitis pigmentosa GTPase regulator'
3 water water
#
loop_
_entity_poly.entity_id
_entity_poly.type
_entity_poly.pdbx_seq_one_letter_code
_entity_poly.pdbx_strand_id
1 'polypeptide(L)'
;GSMSAKDERAREILRGFKLNWMNLRDAETGKILWQGTEDLSVPGVEHEARVPKKILKCKAVSRELNFSSTEQMEKFRLEQ
KVYFKGQCLEEWFFEFGFVIPNSTNTWQSLIEAAPESQMMPASVLTGNVIIETKFFDDDLLVSTSRVRLFYV
;
B
2 'polypeptide(L)'
;LMPDSGAVFTFGKSKFAENNPGKFWFKNDVPVHLSCGDEHSAVVTGNNKLYMFGSNNWGQLGLGSKSAISKPTCVKALKP
EKVKLAACGRNHTLVSTEGGNVYATGGNNEGQLGLGDTEERNTFHVISFFTSEHKIKQLSAGSNTSAALTEDGRLFMWGD
NSEGQIGLKNVSNVCVPQQVTIGKPVSWISCGYYHSAFVTTDGELYVFGEPENGKLGLPNQLLGNHRTPQLVSEIPEKVI
QVACGGEHTVVLTENAVYTFGLGQFGQLGLGTFLFETSEPKVIENIRDQTISYISCGENHTALITDIGLMYTFGDGRHGK
LGLGLENFTNHFIPTLCSNFLRFIVKLVACGGCHMVVFAAPHPRRPPAYVEQKLISEEDLNSAVDHHHHHH
;
C
#
# COMPACT_ATOMS: atom_id res chain seq x y z
N LYS A 6 -35.08 -13.42 -24.67
CA LYS A 6 -34.14 -13.75 -23.55
C LYS A 6 -32.85 -12.94 -23.64
N ASP A 7 -32.31 -12.80 -24.86
CA ASP A 7 -31.09 -12.04 -25.10
C ASP A 7 -31.29 -10.54 -24.93
N GLU A 8 -32.46 -10.05 -25.34
CA GLU A 8 -32.81 -8.63 -25.20
C GLU A 8 -33.09 -8.28 -23.75
N ARG A 9 -33.79 -9.18 -23.05
CA ARG A 9 -34.11 -9.02 -21.62
C ARG A 9 -32.85 -8.99 -20.76
N ALA A 10 -31.87 -9.84 -21.10
CA ALA A 10 -30.59 -9.87 -20.40
C ALA A 10 -29.81 -8.56 -20.55
N ARG A 11 -29.87 -7.97 -21.74
CA ARG A 11 -29.20 -6.70 -22.02
C ARG A 11 -29.90 -5.52 -21.34
N GLU A 12 -31.22 -5.59 -21.23
CA GLU A 12 -32.02 -4.56 -20.56
C GLU A 12 -31.70 -4.51 -19.07
N ILE A 13 -31.63 -5.69 -18.43
CA ILE A 13 -31.28 -5.80 -17.02
C ILE A 13 -29.87 -5.24 -16.77
N LEU A 14 -28.93 -5.63 -17.63
CA LEU A 14 -27.53 -5.21 -17.51
C LEU A 14 -27.34 -3.70 -17.65
N ARG A 15 -28.04 -3.10 -18.62
CA ARG A 15 -27.96 -1.65 -18.85
C ARG A 15 -28.50 -0.82 -17.69
N GLY A 16 -29.43 -1.38 -16.94
CA GLY A 16 -30.02 -0.70 -15.78
C GLY A 16 -29.44 -1.11 -14.44
N PHE A 17 -28.52 -2.06 -14.45
CA PHE A 17 -27.91 -2.57 -13.23
C PHE A 17 -26.58 -1.86 -12.92
N LYS A 18 -26.37 -1.56 -11.64
CA LYS A 18 -25.14 -0.95 -11.18
C LYS A 18 -24.82 -1.38 -9.74
N LEU A 19 -23.60 -1.86 -9.53
CA LEU A 19 -23.10 -2.10 -8.19
C LEU A 19 -22.48 -0.81 -7.68
N ASN A 20 -23.10 -0.21 -6.67
CA ASN A 20 -22.68 1.08 -6.11
C ASN A 20 -21.46 0.97 -5.19
N TRP A 21 -21.52 0.01 -4.27
CA TRP A 21 -20.39 -0.29 -3.38
C TRP A 21 -20.43 -1.71 -2.83
N MET A 22 -19.27 -2.17 -2.34
CA MET A 22 -19.15 -3.47 -1.70
C MET A 22 -18.19 -3.36 -0.52
N ASN A 23 -18.53 -4.05 0.57
CA ASN A 23 -17.69 -4.15 1.77
CA ASN A 23 -17.58 -4.19 1.67
C ASN A 23 -17.48 -5.61 2.19
N LEU A 24 -16.36 -5.89 2.85
CA LEU A 24 -16.12 -7.19 3.45
C LEU A 24 -15.79 -6.96 4.92
N ARG A 25 -16.54 -7.63 5.80
CA ARG A 25 -16.35 -7.49 7.23
C ARG A 25 -15.95 -8.80 7.87
N ASP A 26 -15.14 -8.72 8.93
CA ASP A 26 -14.90 -9.85 9.82
C ASP A 26 -16.21 -10.11 10.55
N ALA A 27 -16.76 -11.31 10.39
CA ALA A 27 -18.08 -11.66 10.91
C ALA A 27 -18.20 -11.61 12.43
N GLU A 28 -17.08 -11.79 13.12
CA GLU A 28 -17.05 -11.78 14.58
C GLU A 28 -16.92 -10.38 15.17
N THR A 29 -15.94 -9.62 14.70
CA THR A 29 -15.65 -8.28 15.23
C THR A 29 -16.51 -7.19 14.59
N GLY A 30 -16.85 -7.37 13.31
CA GLY A 30 -17.64 -6.38 12.57
C GLY A 30 -16.78 -5.35 11.86
N LYS A 31 -15.46 -5.46 12.01
CA LYS A 31 -14.52 -4.54 11.38
C LYS A 31 -14.43 -4.76 9.88
N ILE A 32 -14.46 -3.66 9.14
CA ILE A 32 -14.31 -3.69 7.68
C ILE A 32 -12.89 -4.07 7.32
N LEU A 33 -12.75 -5.13 6.53
CA LEU A 33 -11.45 -5.58 6.04
C LEU A 33 -11.17 -5.02 4.65
N TRP A 34 -12.22 -4.84 3.87
CA TRP A 34 -12.13 -4.29 2.52
C TRP A 34 -13.40 -3.52 2.18
N GLN A 35 -13.23 -2.42 1.44
CA GLN A 35 -14.36 -1.66 0.92
C GLN A 35 -13.99 -0.99 -0.39
N GLY A 36 -14.93 -0.98 -1.33
CA GLY A 36 -14.69 -0.42 -2.65
C GLY A 36 -15.93 0.21 -3.26
N THR A 37 -15.71 1.19 -4.13
CA THR A 37 -16.79 1.90 -4.80
C THR A 37 -16.86 1.57 -6.30
N GLU A 38 -15.89 0.79 -6.78
CA GLU A 38 -15.85 0.36 -8.18
C GLU A 38 -16.92 -0.68 -8.50
N ASP A 39 -17.52 -0.54 -9.68
CA ASP A 39 -18.54 -1.49 -10.14
C ASP A 39 -17.86 -2.77 -10.64
N LEU A 40 -17.75 -3.75 -9.75
CA LEU A 40 -17.06 -5.00 -10.04
C LEU A 40 -17.91 -5.98 -10.86
N SER A 41 -19.16 -5.61 -11.11
CA SER A 41 -20.10 -6.47 -11.86
C SER A 41 -19.96 -6.35 -13.38
N VAL A 42 -19.25 -5.32 -13.83
CA VAL A 42 -19.09 -5.04 -15.27
C VAL A 42 -18.37 -6.19 -16.00
N PRO A 43 -19.03 -6.79 -17.00
CA PRO A 43 -18.40 -7.88 -17.77
C PRO A 43 -17.34 -7.41 -18.76
N GLY A 44 -16.47 -8.32 -19.17
CA GLY A 44 -15.47 -8.04 -20.21
C GLY A 44 -14.25 -7.27 -19.76
N VAL A 45 -14.21 -6.89 -18.48
CA VAL A 45 -13.09 -6.16 -17.90
C VAL A 45 -12.57 -6.93 -16.69
N GLU A 46 -11.27 -7.25 -16.68
CA GLU A 46 -10.68 -7.92 -15.54
C GLU A 46 -10.46 -6.94 -14.39
N HIS A 47 -11.37 -6.99 -13.42
CA HIS A 47 -11.28 -6.17 -12.22
C HIS A 47 -10.23 -6.73 -11.27
N GLU A 48 -9.80 -5.91 -10.32
CA GLU A 48 -8.83 -6.33 -9.31
C GLU A 48 -9.24 -5.85 -7.92
N ALA A 49 -8.98 -6.68 -6.92
CA ALA A 49 -9.21 -6.32 -5.53
C ALA A 49 -8.01 -6.72 -4.68
N ARG A 50 -7.57 -5.80 -3.83
CA ARG A 50 -6.46 -6.05 -2.91
C ARG A 50 -6.99 -6.17 -1.49
N VAL A 51 -7.00 -7.39 -0.97
CA VAL A 51 -7.54 -7.67 0.37
C VAL A 51 -6.42 -7.98 1.37
N PRO A 52 -6.65 -7.73 2.68
CA PRO A 52 -5.65 -8.07 3.70
C PRO A 52 -5.42 -9.57 3.78
N LYS A 53 -4.16 -9.97 3.88
CA LYS A 53 -3.81 -11.39 3.93
C LYS A 53 -4.45 -12.11 5.11
N LYS A 54 -4.76 -11.36 6.17
CA LYS A 54 -5.39 -11.93 7.38
C LYS A 54 -6.84 -12.38 7.16
N ILE A 55 -7.43 -12.01 6.02
CA ILE A 55 -8.78 -12.46 5.66
C ILE A 55 -8.84 -14.00 5.53
N LEU A 56 -7.69 -14.60 5.24
CA LEU A 56 -7.57 -16.05 5.11
C LEU A 56 -7.65 -16.77 6.46
N LYS A 57 -7.47 -16.01 7.54
CA LYS A 57 -7.55 -16.54 8.90
C LYS A 57 -8.96 -16.40 9.48
N CYS A 58 -9.84 -15.70 8.76
CA CYS A 58 -11.22 -15.50 9.18
C CYS A 58 -12.04 -16.78 9.04
N LYS A 59 -12.78 -17.12 10.09
CA LYS A 59 -13.70 -18.26 10.08
C LYS A 59 -14.88 -17.96 9.16
N ALA A 60 -15.36 -16.73 9.20
CA ALA A 60 -16.46 -16.28 8.35
C ALA A 60 -16.30 -14.80 7.98
N VAL A 61 -16.67 -14.48 6.74
CA VAL A 61 -16.63 -13.10 6.25
C VAL A 61 -18.04 -12.66 5.87
N SER A 62 -18.42 -11.47 6.31
CA SER A 62 -19.71 -10.89 5.96
C SER A 62 -19.57 -9.88 4.82
N ARG A 63 -20.23 -10.17 3.71
CA ARG A 63 -20.17 -9.30 2.54
C ARG A 63 -21.46 -8.48 2.40
N GLU A 64 -21.31 -7.18 2.15
CA GLU A 64 -22.44 -6.32 1.82
C GLU A 64 -22.30 -5.78 0.40
N LEU A 65 -23.32 -6.04 -0.42
CA LEU A 65 -23.38 -5.54 -1.80
C LEU A 65 -24.52 -4.53 -1.92
N ASN A 66 -24.19 -3.33 -2.39
CA ASN A 66 -25.19 -2.32 -2.64
C ASN A 66 -25.37 -2.12 -4.14
N PHE A 67 -26.58 -2.39 -4.63
CA PHE A 67 -26.84 -2.38 -6.06
C PHE A 67 -28.14 -1.65 -6.41
N SER A 68 -28.17 -1.07 -7.61
CA SER A 68 -29.35 -0.42 -8.15
C SER A 68 -29.78 -1.15 -9.42
N SER A 69 -31.08 -1.17 -9.68
CA SER A 69 -31.63 -1.85 -10.85
C SER A 69 -32.92 -1.17 -11.33
N THR A 70 -32.90 -0.68 -12.56
CA THR A 70 -34.10 -0.08 -13.15
C THR A 70 -35.13 -1.16 -13.46
N GLU A 71 -34.65 -2.31 -13.94
CA GLU A 71 -35.52 -3.42 -14.33
C GLU A 71 -35.95 -4.27 -13.15
N GLN A 72 -37.18 -4.77 -13.21
CA GLN A 72 -37.70 -5.73 -12.25
C GLN A 72 -37.05 -7.09 -12.49
N MET A 73 -36.75 -7.80 -11.41
CA MET A 73 -36.23 -9.16 -11.49
C MET A 73 -37.02 -10.11 -10.58
N GLU A 74 -37.25 -11.32 -11.09
CA GLU A 74 -37.97 -12.34 -10.35
C GLU A 74 -37.11 -13.00 -9.28
N LYS A 75 -35.94 -13.50 -9.69
CA LYS A 75 -35.03 -14.16 -8.77
C LYS A 75 -33.58 -13.80 -9.07
N PHE A 76 -33.18 -12.62 -8.62
CA PHE A 76 -31.80 -12.18 -8.73
C PHE A 76 -30.93 -13.03 -7.81
N ARG A 77 -29.93 -13.68 -8.41
CA ARG A 77 -29.05 -14.59 -7.69
C ARG A 77 -27.65 -14.61 -8.31
N LEU A 78 -26.68 -15.07 -7.53
CA LEU A 78 -25.29 -15.15 -7.99
C LEU A 78 -24.73 -16.56 -7.88
N GLU A 79 -23.97 -16.95 -8.89
CA GLU A 79 -23.14 -18.15 -8.82
C GLU A 79 -21.69 -17.71 -8.90
N GLN A 80 -20.92 -18.04 -7.86
CA GLN A 80 -19.52 -17.61 -7.79
C GLN A 80 -18.59 -18.81 -7.68
N LYS A 81 -17.57 -18.84 -8.54
CA LYS A 81 -16.54 -19.86 -8.49
C LYS A 81 -15.20 -19.23 -8.13
N VAL A 82 -14.50 -19.85 -7.18
CA VAL A 82 -13.17 -19.40 -6.79
C VAL A 82 -12.12 -20.24 -7.51
N TYR A 83 -11.36 -19.59 -8.39
CA TYR A 83 -10.33 -20.27 -9.17
C TYR A 83 -8.94 -19.90 -8.67
N PHE A 84 -8.13 -20.93 -8.41
CA PHE A 84 -6.71 -20.75 -8.07
C PHE A 84 -5.86 -21.41 -9.14
N LYS A 85 -5.15 -20.58 -9.92
CA LYS A 85 -4.35 -21.03 -11.06
C LYS A 85 -5.19 -21.85 -12.06
N GLY A 86 -6.44 -21.42 -12.24
CA GLY A 86 -7.36 -22.09 -13.17
C GLY A 86 -8.06 -23.31 -12.60
N GLN A 87 -7.81 -23.63 -11.34
CA GLN A 87 -8.46 -24.75 -10.67
C GLN A 87 -9.55 -24.26 -9.72
N CYS A 88 -10.76 -24.77 -9.91
CA CYS A 88 -11.88 -24.41 -9.05
C CYS A 88 -11.70 -25.00 -7.65
N LEU A 89 -11.70 -24.12 -6.65
CA LEU A 89 -11.54 -24.51 -5.25
C LEU A 89 -12.87 -24.49 -4.51
N GLU A 90 -13.69 -23.49 -4.82
CA GLU A 90 -14.99 -23.32 -4.16
C GLU A 90 -16.06 -22.90 -5.16
N GLU A 91 -17.29 -23.32 -4.90
CA GLU A 91 -18.45 -22.85 -5.65
C GLU A 91 -19.48 -22.33 -4.67
N TRP A 92 -19.83 -21.06 -4.79
CA TRP A 92 -20.81 -20.42 -3.90
C TRP A 92 -22.09 -20.07 -4.63
N PHE A 93 -23.21 -20.16 -3.91
CA PHE A 93 -24.52 -19.78 -4.42
C PHE A 93 -25.19 -18.82 -3.46
N PHE A 94 -25.61 -17.67 -3.96
CA PHE A 94 -26.31 -16.66 -3.16
C PHE A 94 -27.58 -16.21 -3.88
N GLU A 95 -28.68 -16.12 -3.13
CA GLU A 95 -29.96 -15.72 -3.70
C GLU A 95 -30.50 -14.46 -3.01
N PHE A 96 -30.73 -13.42 -3.80
CA PHE A 96 -31.37 -12.20 -3.29
C PHE A 96 -32.88 -12.34 -3.39
N GLY A 97 -33.36 -12.68 -4.58
CA GLY A 97 -34.79 -12.86 -4.82
C GLY A 97 -35.37 -11.77 -5.70
N PHE A 98 -36.57 -11.32 -5.34
CA PHE A 98 -37.33 -10.34 -6.11
C PHE A 98 -36.68 -8.96 -6.04
N VAL A 99 -36.46 -8.35 -7.19
CA VAL A 99 -35.94 -6.99 -7.25
C VAL A 99 -37.01 -6.03 -7.74
N ILE A 100 -37.47 -5.16 -6.85
CA ILE A 100 -38.41 -4.10 -7.17
C ILE A 100 -37.77 -3.17 -8.21
N PRO A 101 -38.52 -2.84 -9.29
CA PRO A 101 -37.98 -1.96 -10.32
C PRO A 101 -37.62 -0.57 -9.79
N ASN A 102 -36.54 0.00 -10.31
CA ASN A 102 -36.04 1.32 -9.91
C ASN A 102 -35.70 1.41 -8.42
N SER A 103 -35.10 0.36 -7.89
CA SER A 103 -34.75 0.28 -6.47
C SER A 103 -33.25 0.19 -6.24
N THR A 104 -32.82 0.61 -5.05
CA THR A 104 -31.46 0.38 -4.57
C THR A 104 -31.53 -0.46 -3.31
N ASN A 105 -30.73 -1.52 -3.27
CA ASN A 105 -30.77 -2.49 -2.17
C ASN A 105 -29.40 -2.83 -1.61
N THR A 106 -29.34 -3.06 -0.30
CA THR A 106 -28.14 -3.57 0.37
C THR A 106 -28.33 -5.04 0.68
N TRP A 107 -27.48 -5.87 0.09
CA TRP A 107 -27.59 -7.32 0.20
C TRP A 107 -26.42 -7.87 1.03
N GLN A 108 -26.75 -8.42 2.19
CA GLN A 108 -25.76 -8.98 3.10
C GLN A 108 -25.70 -10.50 2.99
N SER A 109 -24.50 -11.03 2.84
CA SER A 109 -24.28 -12.48 2.74
C SER A 109 -23.12 -12.91 3.62
N LEU A 110 -23.23 -14.11 4.18
CA LEU A 110 -22.16 -14.69 4.99
C LEU A 110 -21.38 -15.72 4.19
N ILE A 111 -20.06 -15.55 4.16
CA ILE A 111 -19.16 -16.47 3.46
C ILE A 111 -18.26 -17.18 4.47
N GLU A 112 -18.45 -18.49 4.59
CA GLU A 112 -17.70 -19.30 5.56
C GLU A 112 -16.47 -19.95 4.92
N ALA A 113 -15.39 -20.01 5.69
CA ALA A 113 -14.11 -20.56 5.24
C ALA A 113 -14.17 -22.07 5.05
N MET A 119 -5.51 -24.43 4.55
CA MET A 119 -5.40 -23.10 3.98
C MET A 119 -4.05 -22.88 3.29
N MET A 120 -4.11 -22.42 2.04
CA MET A 120 -2.91 -22.12 1.25
C MET A 120 -2.38 -20.73 1.62
N PRO A 121 -1.04 -20.56 1.61
CA PRO A 121 -0.42 -19.27 2.00
C PRO A 121 -0.72 -18.13 1.03
N ALA A 122 -0.84 -16.92 1.58
CA ALA A 122 -1.14 -15.71 0.80
C ALA A 122 -0.13 -15.44 -0.31
N SER A 123 1.14 -15.77 -0.06
CA SER A 123 2.24 -15.55 -1.00
C SER A 123 2.04 -16.28 -2.33
N VAL A 124 1.27 -17.38 -2.30
CA VAL A 124 0.98 -18.16 -3.50
C VAL A 124 -0.37 -17.77 -4.10
N LEU A 125 -1.34 -17.48 -3.23
CA LEU A 125 -2.69 -17.11 -3.67
C LEU A 125 -2.76 -15.74 -4.33
N THR A 126 -1.96 -14.80 -3.85
CA THR A 126 -2.01 -13.42 -4.34
C THR A 126 -1.76 -13.32 -5.85
N GLY A 127 -2.67 -12.65 -6.55
CA GLY A 127 -2.60 -12.49 -8.00
C GLY A 127 -2.93 -13.73 -8.80
N ASN A 128 -3.18 -14.84 -8.11
CA ASN A 128 -3.46 -16.13 -8.75
C ASN A 128 -4.87 -16.65 -8.48
N VAL A 129 -5.67 -15.84 -7.78
CA VAL A 129 -7.05 -16.20 -7.48
C VAL A 129 -8.02 -15.34 -8.30
N ILE A 130 -8.95 -16.01 -8.98
CA ILE A 130 -9.99 -15.33 -9.74
C ILE A 130 -11.36 -15.73 -9.20
N ILE A 131 -12.17 -14.74 -8.85
CA ILE A 131 -13.57 -14.99 -8.52
C ILE A 131 -14.42 -14.72 -9.76
N GLU A 132 -15.05 -15.78 -10.26
CA GLU A 132 -15.94 -15.68 -11.41
C GLU A 132 -17.37 -15.59 -10.90
N THR A 133 -18.04 -14.49 -11.21
CA THR A 133 -19.42 -14.27 -10.76
C THR A 133 -20.40 -14.31 -11.93
N LYS A 134 -21.36 -15.23 -11.85
CA LYS A 134 -22.44 -15.32 -12.82
C LYS A 134 -23.70 -14.66 -12.28
N PHE A 135 -24.16 -13.64 -12.99
CA PHE A 135 -25.34 -12.86 -12.65
C PHE A 135 -26.55 -13.52 -13.30
N PHE A 136 -27.47 -14.01 -12.47
CA PHE A 136 -28.69 -14.66 -12.95
C PHE A 136 -29.96 -13.93 -12.49
N ASP A 137 -30.95 -13.91 -13.38
CA ASP A 137 -32.35 -13.73 -12.96
C ASP A 137 -33.06 -15.05 -13.24
N ASP A 138 -33.30 -15.80 -12.17
CA ASP A 138 -33.84 -17.16 -12.24
C ASP A 138 -32.93 -18.10 -13.05
N ASP A 139 -33.31 -18.39 -14.29
CA ASP A 139 -32.51 -19.26 -15.16
C ASP A 139 -31.81 -18.49 -16.28
N LEU A 140 -32.10 -17.19 -16.38
CA LEU A 140 -31.50 -16.33 -17.38
C LEU A 140 -30.14 -15.81 -16.92
N LEU A 141 -29.10 -16.14 -17.68
CA LEU A 141 -27.76 -15.61 -17.42
C LEU A 141 -27.67 -14.20 -17.98
N VAL A 142 -27.49 -13.23 -17.08
CA VAL A 142 -27.45 -11.82 -17.46
C VAL A 142 -26.02 -11.40 -17.83
N SER A 143 -25.06 -11.76 -16.98
CA SER A 143 -23.65 -11.45 -17.22
C SER A 143 -22.69 -12.35 -16.44
N THR A 144 -21.45 -12.40 -16.91
CA THR A 144 -20.36 -13.06 -16.21
C THR A 144 -19.22 -12.05 -16.03
N SER A 145 -18.80 -11.86 -14.78
CA SER A 145 -17.72 -10.94 -14.46
C SER A 145 -16.64 -11.62 -13.64
N ARG A 146 -15.43 -11.06 -13.66
CA ARG A 146 -14.29 -11.66 -12.96
C ARG A 146 -13.46 -10.64 -12.21
N VAL A 147 -13.02 -11.03 -11.02
CA VAL A 147 -12.15 -10.20 -10.19
C VAL A 147 -10.92 -11.00 -9.78
N ARG A 148 -9.74 -10.46 -10.07
CA ARG A 148 -8.48 -11.07 -9.63
C ARG A 148 -8.14 -10.57 -8.23
N LEU A 149 -7.88 -11.50 -7.32
CA LEU A 149 -7.63 -11.16 -5.93
C LEU A 149 -6.15 -11.13 -5.56
N PHE A 150 -5.79 -10.10 -4.80
CA PHE A 150 -4.44 -9.96 -4.26
C PHE A 150 -4.52 -9.99 -2.74
N TYR A 151 -3.64 -10.78 -2.12
CA TYR A 151 -3.61 -10.92 -0.67
C TYR A 151 -2.31 -10.32 -0.14
N VAL A 152 -2.41 -9.10 0.36
CA VAL A 152 -1.22 -8.34 0.77
C VAL A 152 -1.33 -7.81 2.20
N LEU B 1 6.79 23.54 -22.51
CA LEU B 1 6.43 22.20 -21.96
C LEU B 1 6.94 22.03 -20.52
N MET B 2 7.47 20.84 -20.21
CA MET B 2 8.03 20.51 -18.90
C MET B 2 9.12 21.51 -18.48
N PRO B 3 9.06 22.01 -17.23
CA PRO B 3 10.07 22.94 -16.70
C PRO B 3 11.44 22.26 -16.58
N ASP B 4 12.49 23.08 -16.50
CA ASP B 4 13.85 22.57 -16.37
C ASP B 4 14.06 21.75 -15.09
N SER B 5 13.23 22.03 -14.08
CA SER B 5 13.27 21.31 -12.80
C SER B 5 12.72 19.89 -12.91
N GLY B 6 12.03 19.59 -14.00
CA GLY B 6 11.59 18.24 -14.29
C GLY B 6 10.10 17.99 -14.11
N ALA B 7 9.75 16.71 -13.94
CA ALA B 7 8.35 16.31 -13.82
C ALA B 7 8.17 15.10 -12.91
N VAL B 8 6.95 14.95 -12.41
CA VAL B 8 6.55 13.75 -11.67
C VAL B 8 6.06 12.72 -12.68
N PHE B 9 6.65 11.53 -12.62
CA PHE B 9 6.28 10.41 -13.48
C PHE B 9 5.59 9.34 -12.65
N THR B 10 4.47 8.83 -13.16
CA THR B 10 3.74 7.76 -12.47
C THR B 10 3.80 6.46 -13.27
N PHE B 11 3.94 5.36 -12.55
CA PHE B 11 4.01 4.03 -13.15
C PHE B 11 3.06 3.09 -12.41
N GLY B 12 2.52 2.12 -13.14
CA GLY B 12 1.52 1.21 -12.56
C GLY B 12 0.15 1.86 -12.50
N LYS B 13 -0.61 1.51 -11.46
CA LYS B 13 -1.97 2.02 -11.31
C LYS B 13 -2.06 3.22 -10.36
N SER B 14 -2.09 4.42 -10.95
CA SER B 14 -2.24 5.66 -10.20
C SER B 14 -3.71 6.10 -10.15
N LYS B 15 -4.55 5.34 -10.85
CA LYS B 15 -6.00 5.59 -10.94
C LYS B 15 -6.36 6.89 -11.67
N PHE B 16 -5.46 7.36 -12.55
CA PHE B 16 -5.72 8.52 -13.40
C PHE B 16 -6.74 8.16 -14.48
N ALA B 17 -7.36 9.19 -15.05
CA ALA B 17 -8.24 9.02 -16.20
C ALA B 17 -7.42 8.58 -17.43
N GLU B 18 -8.03 8.58 -18.61
CA GLU B 18 -7.34 8.14 -19.82
C GLU B 18 -7.64 9.05 -21.02
N ASN B 19 -6.64 9.77 -21.54
CA ASN B 19 -5.29 9.87 -20.98
C ASN B 19 -4.88 11.35 -21.07
N ASN B 20 -4.10 11.90 -20.11
CA ASN B 20 -3.51 11.26 -18.92
C ASN B 20 -2.35 10.27 -19.18
N PRO B 21 -1.19 10.80 -19.64
CA PRO B 21 -0.04 9.99 -20.02
C PRO B 21 0.77 9.44 -18.84
N GLY B 22 0.59 10.01 -17.66
CA GLY B 22 1.32 9.60 -16.46
C GLY B 22 2.52 10.48 -16.19
N LYS B 23 2.35 11.78 -16.40
CA LYS B 23 3.41 12.77 -16.25
C LYS B 23 2.80 14.13 -15.96
N PHE B 24 3.28 14.78 -14.89
CA PHE B 24 2.80 16.12 -14.53
C PHE B 24 3.83 16.96 -13.78
N TRP B 25 3.54 18.25 -13.68
CA TRP B 25 4.35 19.19 -12.91
C TRP B 25 3.48 20.29 -12.32
N PHE B 26 4.10 21.23 -11.62
CA PHE B 26 3.36 22.31 -10.96
C PHE B 26 3.87 23.67 -11.42
N LYS B 27 2.94 24.58 -11.68
CA LYS B 27 3.25 25.92 -12.15
C LYS B 27 3.94 26.73 -11.05
N ASN B 28 5.14 27.21 -11.33
CA ASN B 28 5.96 27.97 -10.38
C ASN B 28 6.11 27.29 -9.03
N ASP B 29 6.29 25.97 -9.06
CA ASP B 29 6.39 25.14 -7.87
C ASP B 29 7.14 23.86 -8.22
N VAL B 30 7.72 23.21 -7.22
CA VAL B 30 8.47 21.97 -7.43
C VAL B 30 8.15 20.92 -6.36
N PRO B 31 8.13 19.63 -6.75
CA PRO B 31 8.00 18.55 -5.76
C PRO B 31 9.24 18.50 -4.87
N VAL B 32 9.04 18.27 -3.57
CA VAL B 32 10.15 18.12 -2.61
C VAL B 32 10.06 16.83 -1.79
N HIS B 33 8.89 16.21 -1.77
CA HIS B 33 8.69 14.96 -1.03
C HIS B 33 7.62 14.08 -1.68
N LEU B 34 7.97 12.81 -1.90
CA LEU B 34 7.03 11.84 -2.45
C LEU B 34 6.77 10.72 -1.45
N SER B 35 5.53 10.24 -1.42
CA SER B 35 5.15 9.10 -0.60
C SER B 35 4.07 8.28 -1.31
N CYS B 36 4.15 6.95 -1.14
CA CYS B 36 3.18 6.05 -1.74
C CYS B 36 2.74 4.99 -0.73
N GLY B 37 1.44 4.76 -0.67
CA GLY B 37 0.86 3.70 0.16
C GLY B 37 0.47 2.54 -0.72
N ASP B 38 -0.39 1.66 -0.21
CA ASP B 38 -0.79 0.48 -0.98
C ASP B 38 -1.48 0.84 -2.30
N GLU B 39 -2.37 1.82 -2.26
CA GLU B 39 -3.14 2.21 -3.45
C GLU B 39 -3.23 3.72 -3.67
N HIS B 40 -2.51 4.51 -2.87
CA HIS B 40 -2.54 5.96 -3.01
C HIS B 40 -1.17 6.62 -2.90
N SER B 41 -1.12 7.91 -3.24
CA SER B 41 0.13 8.65 -3.30
C SER B 41 -0.02 10.08 -2.78
N ALA B 42 1.10 10.65 -2.33
CA ALA B 42 1.15 12.02 -1.83
C ALA B 42 2.34 12.75 -2.43
N VAL B 43 2.13 14.00 -2.82
CA VAL B 43 3.20 14.87 -3.29
C VAL B 43 3.19 16.16 -2.48
N VAL B 44 4.32 16.43 -1.82
CA VAL B 44 4.52 17.70 -1.11
C VAL B 44 5.39 18.59 -2.01
N THR B 45 4.98 19.85 -2.16
CA THR B 45 5.71 20.80 -3.01
C THR B 45 6.55 21.79 -2.20
N GLY B 46 7.43 22.51 -2.90
CA GLY B 46 8.29 23.53 -2.30
C GLY B 46 7.52 24.72 -1.75
N ASN B 47 6.35 24.98 -2.33
CA ASN B 47 5.45 26.01 -1.81
C ASN B 47 4.58 25.50 -0.66
N ASN B 48 4.96 24.34 -0.13
CA ASN B 48 4.35 23.75 1.07
C ASN B 48 2.89 23.33 0.87
N LYS B 49 2.57 22.88 -0.33
CA LYS B 49 1.23 22.39 -0.67
C LYS B 49 1.24 20.86 -0.74
N LEU B 50 0.08 20.27 -0.51
CA LEU B 50 -0.07 18.82 -0.56
C LEU B 50 -1.03 18.40 -1.67
N TYR B 51 -0.56 17.49 -2.52
CA TYR B 51 -1.38 16.92 -3.58
C TYR B 51 -1.55 15.42 -3.36
N MET B 52 -2.80 14.96 -3.41
CA MET B 52 -3.12 13.56 -3.22
C MET B 52 -3.74 12.96 -4.48
N PHE B 53 -3.48 11.68 -4.70
CA PHE B 53 -4.15 10.91 -5.76
C PHE B 53 -4.12 9.40 -5.49
N GLY B 54 -4.89 8.65 -6.28
CA GLY B 54 -5.03 7.22 -6.10
C GLY B 54 -6.34 6.86 -5.43
N SER B 55 -6.34 5.74 -4.71
CA SER B 55 -7.52 5.24 -4.03
C SER B 55 -7.98 6.17 -2.91
N ASN B 56 -9.30 6.31 -2.78
CA ASN B 56 -9.91 7.13 -1.75
C ASN B 56 -11.02 6.35 -1.01
N ASN B 57 -10.96 5.02 -1.10
CA ASN B 57 -11.97 4.12 -0.53
C ASN B 57 -12.13 4.19 0.99
N TRP B 58 -11.09 4.65 1.67
CA TRP B 58 -11.11 4.81 3.12
C TRP B 58 -11.02 6.30 3.50
N GLY B 59 -11.10 7.17 2.49
CA GLY B 59 -10.95 8.61 2.69
C GLY B 59 -9.51 9.01 2.98
N GLN B 60 -8.56 8.19 2.52
CA GLN B 60 -7.13 8.41 2.79
C GLN B 60 -6.54 9.62 2.07
N LEU B 61 -7.28 10.20 1.14
CA LEU B 61 -6.81 11.39 0.44
C LEU B 61 -7.13 12.69 1.19
N GLY B 62 -8.02 12.58 2.18
CA GLY B 62 -8.38 13.69 3.06
C GLY B 62 -9.11 14.83 2.36
N LEU B 63 -9.94 14.48 1.38
CA LEU B 63 -10.61 15.47 0.53
C LEU B 63 -12.08 15.72 0.92
N GLY B 64 -12.52 15.11 2.02
CA GLY B 64 -13.87 15.33 2.52
C GLY B 64 -14.90 14.32 2.05
N SER B 65 -14.45 13.29 1.33
CA SER B 65 -15.34 12.26 0.81
C SER B 65 -14.64 10.91 0.72
N LYS B 66 -15.36 9.92 0.20
CA LYS B 66 -14.80 8.60 -0.10
C LYS B 66 -15.03 8.27 -1.57
N SER B 67 -15.16 9.32 -2.38
CA SER B 67 -15.45 9.21 -3.81
C SER B 67 -14.17 9.09 -4.63
N ALA B 68 -14.30 8.53 -5.84
CA ALA B 68 -13.17 8.27 -6.72
C ALA B 68 -12.47 9.55 -7.19
N ILE B 69 -11.14 9.49 -7.23
CA ILE B 69 -10.29 10.60 -7.65
C ILE B 69 -9.37 10.11 -8.77
N SER B 70 -9.30 10.88 -9.86
CA SER B 70 -8.62 10.46 -11.08
C SER B 70 -7.54 11.42 -11.56
N LYS B 71 -6.99 12.21 -10.64
CA LYS B 71 -5.96 13.20 -10.93
C LYS B 71 -5.37 13.75 -9.63
N PRO B 72 -4.16 14.34 -9.69
CA PRO B 72 -3.59 14.98 -8.50
C PRO B 72 -4.55 16.04 -7.98
N THR B 73 -4.78 16.05 -6.67
CA THR B 73 -5.77 16.94 -6.07
C THR B 73 -5.18 17.63 -4.84
N CYS B 74 -5.19 18.95 -4.86
CA CYS B 74 -4.67 19.74 -3.76
C CYS B 74 -5.60 19.68 -2.55
N VAL B 75 -5.02 19.48 -1.37
CA VAL B 75 -5.78 19.49 -0.13
C VAL B 75 -6.01 20.93 0.30
N LYS B 76 -7.22 21.42 0.02
CA LYS B 76 -7.61 22.82 0.28
C LYS B 76 -7.57 23.17 1.76
N ALA B 77 -8.00 22.23 2.60
CA ALA B 77 -8.10 22.43 4.05
C ALA B 77 -6.75 22.73 4.72
N LEU B 78 -5.67 22.24 4.11
CA LEU B 78 -4.33 22.40 4.67
C LEU B 78 -3.57 23.61 4.10
N LYS B 79 -4.21 24.38 3.23
CA LYS B 79 -3.61 25.57 2.62
C LYS B 79 -3.13 26.66 3.59
N PRO B 80 -3.86 26.87 4.72
CA PRO B 80 -3.35 27.80 5.74
C PRO B 80 -2.08 27.28 6.45
N GLU B 81 -1.77 26.00 6.28
CA GLU B 81 -0.61 25.38 6.91
C GLU B 81 0.53 25.20 5.90
N LYS B 82 1.75 25.08 6.41
CA LYS B 82 2.92 24.82 5.57
C LYS B 82 3.32 23.34 5.67
N VAL B 83 2.79 22.54 4.74
CA VAL B 83 3.05 21.11 4.68
C VAL B 83 4.50 20.84 4.31
N LYS B 84 5.16 19.97 5.08
CA LYS B 84 6.58 19.65 4.87
C LYS B 84 6.80 18.18 4.54
N LEU B 85 6.05 17.29 5.17
CA LEU B 85 6.21 15.85 4.99
C LEU B 85 4.87 15.12 4.93
N ALA B 86 4.86 13.99 4.24
CA ALA B 86 3.70 13.10 4.21
C ALA B 86 4.13 11.64 4.17
N ALA B 87 3.32 10.78 4.77
CA ALA B 87 3.53 9.33 4.70
C ALA B 87 2.21 8.64 4.37
N CYS B 88 2.25 7.68 3.45
CA CYS B 88 1.07 6.94 3.06
C CYS B 88 1.17 5.50 3.51
N GLY B 89 0.19 5.05 4.29
CA GLY B 89 0.11 3.66 4.72
C GLY B 89 -0.80 2.86 3.80
N ARG B 90 -1.30 1.73 4.31
CA ARG B 90 -2.20 0.88 3.53
C ARG B 90 -3.49 1.62 3.14
N ASN B 91 -4.10 2.28 4.13
CA ASN B 91 -5.38 2.97 3.93
C ASN B 91 -5.48 4.31 4.66
N HIS B 92 -4.33 4.85 5.06
CA HIS B 92 -4.29 6.14 5.76
C HIS B 92 -3.10 6.99 5.34
N THR B 93 -3.15 8.27 5.72
CA THR B 93 -2.13 9.24 5.35
C THR B 93 -1.79 10.10 6.57
N LEU B 94 -0.49 10.33 6.77
CA LEU B 94 0.01 11.23 7.81
C LEU B 94 0.67 12.44 7.16
N VAL B 95 0.51 13.61 7.78
CA VAL B 95 1.10 14.85 7.28
C VAL B 95 1.66 15.66 8.45
N SER B 96 2.85 16.24 8.26
CA SER B 96 3.42 17.15 9.24
C SER B 96 3.60 18.55 8.66
N THR B 97 3.44 19.57 9.51
CA THR B 97 3.54 20.96 9.09
C THR B 97 4.64 21.70 9.85
N GLU B 98 5.15 22.78 9.26
CA GLU B 98 6.24 23.56 9.85
C GLU B 98 5.87 24.18 11.19
N GLY B 99 4.60 24.55 11.35
CA GLY B 99 4.08 25.15 12.58
C GLY B 99 3.99 24.18 13.76
N GLY B 100 4.23 22.90 13.50
CA GLY B 100 4.29 21.89 14.55
C GLY B 100 3.09 20.96 14.65
N ASN B 101 2.14 21.11 13.73
CA ASN B 101 0.97 20.23 13.72
C ASN B 101 1.18 19.00 12.84
N VAL B 102 0.72 17.86 13.33
CA VAL B 102 0.72 16.61 12.58
C VAL B 102 -0.74 16.15 12.40
N TYR B 103 -1.09 15.82 11.16
CA TYR B 103 -2.46 15.47 10.79
C TYR B 103 -2.55 14.04 10.25
N ALA B 104 -3.75 13.47 10.34
CA ALA B 104 -4.01 12.13 9.80
C ALA B 104 -5.42 12.02 9.22
N THR B 105 -5.55 11.18 8.18
CA THR B 105 -6.86 10.87 7.58
C THR B 105 -6.87 9.44 7.05
N GLY B 106 -8.08 8.89 6.87
CA GLY B 106 -8.23 7.57 6.27
C GLY B 106 -8.70 6.49 7.24
N GLY B 107 -8.29 5.25 6.97
CA GLY B 107 -8.64 4.11 7.80
C GLY B 107 -8.09 4.24 9.21
N ASN B 108 -8.77 3.62 10.18
CA ASN B 108 -8.44 3.80 11.59
C ASN B 108 -8.76 2.57 12.45
N ASN B 109 -8.91 1.42 11.80
CA ASN B 109 -9.31 0.18 12.47
C ASN B 109 -8.48 -0.19 13.71
N GLU B 110 -7.19 0.14 13.68
CA GLU B 110 -6.28 -0.20 14.78
C GLU B 110 -5.73 1.02 15.52
N GLY B 111 -6.28 2.20 15.22
CA GLY B 111 -5.90 3.44 15.89
C GLY B 111 -4.76 4.18 15.21
N GLN B 112 -4.51 3.85 13.94
CA GLN B 112 -3.37 4.40 13.18
C GLN B 112 -3.45 5.92 12.92
N LEU B 113 -4.63 6.50 13.10
CA LEU B 113 -4.78 7.95 12.91
C LEU B 113 -4.27 8.76 14.11
N GLY B 114 -4.07 8.07 15.24
CA GLY B 114 -3.55 8.70 16.46
C GLY B 114 -4.52 9.68 17.10
N LEU B 115 -5.81 9.44 16.92
CA LEU B 115 -6.85 10.36 17.36
C LEU B 115 -7.58 9.91 18.63
N GLY B 116 -7.20 8.76 19.15
CA GLY B 116 -7.77 8.23 20.39
C GLY B 116 -8.99 7.36 20.19
N ASP B 117 -9.32 7.08 18.92
CA ASP B 117 -10.46 6.21 18.58
C ASP B 117 -10.15 5.30 17.39
N THR B 118 -11.15 4.54 16.96
CA THR B 118 -10.98 3.63 15.82
C THR B 118 -11.91 3.95 14.65
N GLU B 119 -12.46 5.17 14.64
CA GLU B 119 -13.36 5.61 13.57
C GLU B 119 -12.58 6.22 12.41
N GLU B 120 -12.89 5.78 11.19
CA GLU B 120 -12.24 6.32 10.00
C GLU B 120 -12.62 7.78 9.74
N ARG B 121 -11.69 8.53 9.14
CA ARG B 121 -11.91 9.93 8.80
C ARG B 121 -11.69 10.13 7.30
N ASN B 122 -12.35 11.14 6.75
CA ASN B 122 -12.15 11.50 5.33
C ASN B 122 -11.55 12.91 5.16
N THR B 123 -11.24 13.56 6.29
CA THR B 123 -10.50 14.82 6.30
C THR B 123 -9.33 14.70 7.28
N PHE B 124 -8.30 15.52 7.08
CA PHE B 124 -7.14 15.54 7.98
C PHE B 124 -7.48 16.09 9.35
N HIS B 125 -7.27 15.25 10.37
CA HIS B 125 -7.50 15.62 11.77
C HIS B 125 -6.17 15.75 12.49
N VAL B 126 -6.05 16.78 13.32
CA VAL B 126 -4.82 17.02 14.09
C VAL B 126 -4.61 15.97 15.18
N ILE B 127 -3.38 15.51 15.31
CA ILE B 127 -2.97 14.66 16.43
C ILE B 127 -2.39 15.59 17.50
N SER B 128 -3.16 15.81 18.57
CA SER B 128 -2.84 16.83 19.56
C SER B 128 -1.49 16.66 20.27
N PHE B 129 -1.01 15.43 20.35
CA PHE B 129 0.27 15.13 21.00
C PHE B 129 1.43 15.94 20.43
N PHE B 130 1.49 16.05 19.11
CA PHE B 130 2.58 16.75 18.44
C PHE B 130 2.42 18.26 18.46
N THR B 131 3.48 18.95 18.86
CA THR B 131 3.52 20.40 18.96
C THR B 131 4.77 20.92 18.25
N SER B 132 4.98 22.24 18.32
CA SER B 132 6.16 22.87 17.74
C SER B 132 7.46 22.39 18.40
N GLU B 133 7.33 21.78 19.58
CA GLU B 133 8.45 21.14 20.28
C GLU B 133 9.02 19.97 19.46
N HIS B 134 8.12 19.21 18.83
CA HIS B 134 8.53 18.05 18.03
C HIS B 134 8.84 18.48 16.60
N LYS B 135 10.13 18.61 16.29
CA LYS B 135 10.57 18.92 14.93
C LYS B 135 10.65 17.62 14.13
N ILE B 136 9.66 17.38 13.28
CA ILE B 136 9.56 16.10 12.57
C ILE B 136 10.56 15.98 11.42
N LYS B 137 11.41 14.96 11.50
CA LYS B 137 12.40 14.67 10.47
C LYS B 137 11.84 13.71 9.41
N GLN B 138 11.06 12.73 9.87
CA GLN B 138 10.54 11.69 9.01
C GLN B 138 9.21 11.14 9.52
N LEU B 139 8.31 10.86 8.59
CA LEU B 139 7.07 10.14 8.88
C LEU B 139 7.11 8.80 8.15
N SER B 140 6.45 7.79 8.72
CA SER B 140 6.31 6.51 8.06
C SER B 140 4.98 5.88 8.43
N ALA B 141 4.46 5.03 7.54
CA ALA B 141 3.18 4.36 7.75
C ALA B 141 3.11 3.04 7.00
N GLY B 142 2.63 2.00 7.68
CA GLY B 142 2.44 0.69 7.09
C GLY B 142 0.98 0.29 7.11
N SER B 143 0.72 -1.01 7.30
CA SER B 143 -0.65 -1.50 7.36
C SER B 143 -1.23 -1.26 8.74
N ASN B 144 -2.06 -0.23 8.85
CA ASN B 144 -2.67 0.20 10.14
C ASN B 144 -1.63 0.59 11.19
N THR B 145 -0.47 1.09 10.73
CA THR B 145 0.60 1.53 11.60
C THR B 145 1.12 2.91 11.21
N SER B 146 1.64 3.64 12.19
CA SER B 146 2.12 5.00 11.97
C SER B 146 3.36 5.28 12.78
N ALA B 147 4.21 6.17 12.27
CA ALA B 147 5.43 6.57 12.97
C ALA B 147 5.83 8.00 12.65
N ALA B 148 6.45 8.65 13.63
CA ALA B 148 7.03 9.97 13.45
C ALA B 148 8.39 10.01 14.14
N LEU B 149 9.38 10.49 13.41
CA LEU B 149 10.74 10.61 13.92
C LEU B 149 11.13 12.08 13.99
N THR B 150 11.61 12.52 15.15
CA THR B 150 12.00 13.91 15.33
C THR B 150 13.47 14.14 15.01
N GLU B 151 13.85 15.41 14.88
CA GLU B 151 15.22 15.80 14.53
C GLU B 151 16.26 15.41 15.58
N ASP B 152 15.87 15.42 16.85
CA ASP B 152 16.80 15.05 17.93
C ASP B 152 16.79 13.54 18.25
N GLY B 153 16.07 12.77 17.42
CA GLY B 153 16.19 11.30 17.44
C GLY B 153 15.18 10.52 18.27
N ARG B 154 14.03 11.12 18.56
CA ARG B 154 12.96 10.43 19.28
C ARG B 154 11.97 9.82 18.30
N LEU B 155 11.61 8.56 18.56
CA LEU B 155 10.69 7.82 17.71
C LEU B 155 9.36 7.58 18.41
N PHE B 156 8.28 7.95 17.72
CA PHE B 156 6.93 7.74 18.22
C PHE B 156 6.15 6.87 17.22
N MET B 157 5.47 5.86 17.74
CA MET B 157 4.71 4.94 16.89
C MET B 157 3.32 4.70 17.45
N TRP B 158 2.38 4.40 16.56
CA TRP B 158 1.00 4.10 16.96
C TRP B 158 0.27 3.23 15.94
N GLY B 159 -0.92 2.76 16.33
CA GLY B 159 -1.69 1.86 15.49
C GLY B 159 -1.57 0.42 15.96
N ASP B 160 -1.46 -0.50 15.00
CA ASP B 160 -1.49 -1.94 15.25
C ASP B 160 -0.16 -2.47 15.82
N ASN B 161 -0.26 -3.27 16.88
CA ASN B 161 0.89 -3.95 17.47
C ASN B 161 0.63 -5.45 17.66
N SER B 162 -0.32 -6.00 16.92
CA SER B 162 -0.71 -7.41 17.03
C SER B 162 0.43 -8.40 16.78
N GLU B 163 1.41 -7.97 15.97
CA GLU B 163 2.59 -8.78 15.68
C GLU B 163 3.88 -8.12 16.18
N GLY B 164 3.74 -7.06 16.96
CA GLY B 164 4.88 -6.33 17.52
C GLY B 164 5.49 -5.32 16.56
N GLN B 165 4.73 -4.96 15.52
CA GLN B 165 5.25 -4.12 14.45
C GLN B 165 5.44 -2.64 14.79
N ILE B 166 4.93 -2.20 15.93
CA ILE B 166 5.25 -0.85 16.42
C ILE B 166 6.10 -0.86 17.70
N GLY B 167 6.63 -2.03 18.02
CA GLY B 167 7.62 -2.22 19.08
C GLY B 167 7.20 -1.83 20.49
N LEU B 168 5.91 -1.99 20.79
CA LEU B 168 5.37 -1.60 22.08
C LEU B 168 5.07 -2.80 22.99
N LYS B 169 5.87 -3.85 22.83
CA LYS B 169 5.85 -5.03 23.70
C LYS B 169 4.49 -5.75 23.72
N ASN B 170 3.90 -5.85 24.92
CA ASN B 170 2.68 -6.63 25.15
C ASN B 170 1.39 -6.00 24.63
N VAL B 171 1.42 -4.68 24.40
CA VAL B 171 0.23 -3.94 23.94
C VAL B 171 -0.23 -4.45 22.57
N SER B 172 -1.55 -4.60 22.41
CA SER B 172 -2.12 -5.09 21.16
C SER B 172 -2.21 -3.98 20.10
N ASN B 173 -2.54 -2.77 20.55
CA ASN B 173 -2.60 -1.59 19.70
C ASN B 173 -2.72 -0.32 20.54
N VAL B 174 -2.35 0.81 19.96
CA VAL B 174 -2.58 2.12 20.60
C VAL B 174 -3.20 3.10 19.61
N CYS B 175 -4.06 3.98 20.12
CA CYS B 175 -4.79 4.94 19.28
C CYS B 175 -4.25 6.36 19.44
N VAL B 176 -3.09 6.44 20.10
CA VAL B 176 -2.40 7.70 20.38
C VAL B 176 -0.89 7.44 20.27
N PRO B 177 -0.10 8.44 19.83
CA PRO B 177 1.35 8.24 19.71
C PRO B 177 2.01 7.79 21.01
N GLN B 178 2.85 6.76 20.92
CA GLN B 178 3.61 6.25 22.05
C GLN B 178 5.08 6.19 21.67
N GLN B 179 5.95 6.56 22.60
CA GLN B 179 7.38 6.60 22.32
C GLN B 179 8.01 5.21 22.31
N VAL B 180 8.86 4.96 21.32
CA VAL B 180 9.66 3.74 21.23
C VAL B 180 11.12 4.13 21.41
N THR B 181 11.75 3.62 22.46
CA THR B 181 13.14 3.96 22.73
C THR B 181 14.00 2.77 23.18
N ILE B 182 15.25 2.76 22.74
CA ILE B 182 16.26 1.82 23.22
C ILE B 182 17.42 2.56 23.87
N GLY B 183 17.25 3.87 24.07
CA GLY B 183 18.25 4.70 24.74
C GLY B 183 19.28 5.29 23.79
N LYS B 184 18.96 5.31 22.49
CA LYS B 184 19.84 5.85 21.46
C LYS B 184 19.04 6.75 20.51
N PRO B 185 19.69 7.77 19.92
CA PRO B 185 18.96 8.59 18.96
C PRO B 185 18.71 7.79 17.68
N VAL B 186 17.50 7.93 17.14
CA VAL B 186 17.11 7.26 15.90
C VAL B 186 17.30 8.21 14.70
N SER B 187 17.89 7.70 13.62
CA SER B 187 18.19 8.51 12.44
C SER B 187 17.30 8.18 11.23
N TRP B 188 16.70 6.99 11.22
CA TRP B 188 15.89 6.53 10.10
C TRP B 188 14.80 5.56 10.58
N ILE B 189 13.60 5.70 10.04
CA ILE B 189 12.48 4.82 10.37
C ILE B 189 11.76 4.36 9.09
N SER B 190 11.38 3.08 9.04
CA SER B 190 10.55 2.57 7.96
C SER B 190 9.51 1.60 8.48
N CYS B 191 8.25 1.90 8.20
CA CYS B 191 7.14 1.01 8.52
C CYS B 191 6.79 0.18 7.30
N GLY B 192 7.03 -1.13 7.39
CA GLY B 192 6.56 -2.06 6.37
C GLY B 192 5.14 -2.44 6.65
N TYR B 193 4.63 -3.43 5.92
CA TYR B 193 3.24 -3.84 6.06
C TYR B 193 2.95 -4.44 7.45
N TYR B 194 3.77 -5.40 7.87
CA TYR B 194 3.56 -6.08 9.15
C TYR B 194 4.84 -6.14 10.00
N HIS B 195 5.84 -5.36 9.59
CA HIS B 195 7.08 -5.22 10.35
C HIS B 195 7.65 -3.81 10.17
N SER B 196 8.45 -3.38 11.13
CA SER B 196 9.10 -2.07 11.05
C SER B 196 10.56 -2.17 11.46
N ALA B 197 11.34 -1.16 11.08
CA ALA B 197 12.76 -1.11 11.41
C ALA B 197 13.24 0.33 11.57
N PHE B 198 14.25 0.52 12.41
CA PHE B 198 14.89 1.83 12.52
C PHE B 198 16.41 1.75 12.58
N VAL B 199 17.04 2.86 12.22
CA VAL B 199 18.50 2.97 12.24
C VAL B 199 18.87 4.01 13.30
N THR B 200 19.89 3.69 14.09
CA THR B 200 20.40 4.60 15.11
C THR B 200 21.53 5.45 14.54
N THR B 201 21.89 6.53 15.24
CA THR B 201 22.93 7.45 14.79
C THR B 201 24.32 6.81 14.76
N ASP B 202 24.52 5.74 15.53
CA ASP B 202 25.80 5.02 15.51
C ASP B 202 25.81 3.84 14.53
N GLY B 203 24.82 3.81 13.62
CA GLY B 203 24.80 2.88 12.51
C GLY B 203 24.30 1.47 12.79
N GLU B 204 23.42 1.33 13.78
CA GLU B 204 22.85 0.03 14.13
C GLU B 204 21.42 -0.11 13.61
N LEU B 205 21.09 -1.29 13.10
CA LEU B 205 19.75 -1.57 12.61
C LEU B 205 18.94 -2.40 13.61
N TYR B 206 17.75 -1.91 13.92
CA TYR B 206 16.82 -2.61 14.81
C TYR B 206 15.53 -2.98 14.10
N VAL B 207 15.10 -4.23 14.28
CA VAL B 207 13.91 -4.74 13.60
C VAL B 207 12.89 -5.31 14.58
N PHE B 208 11.62 -5.24 14.20
CA PHE B 208 10.52 -5.75 15.02
C PHE B 208 9.26 -5.92 14.18
N GLY B 209 8.41 -6.86 14.58
CA GLY B 209 7.18 -7.14 13.85
C GLY B 209 6.96 -8.62 13.63
N GLU B 210 6.17 -8.93 12.61
CA GLU B 210 5.81 -10.31 12.28
C GLU B 210 7.05 -11.17 11.98
N PRO B 211 7.29 -12.23 12.78
CA PRO B 211 8.47 -13.06 12.62
C PRO B 211 8.29 -14.14 11.54
N GLU B 212 7.82 -13.73 10.37
CA GLU B 212 7.52 -14.65 9.28
C GLU B 212 8.33 -14.30 8.03
N ASN B 213 8.59 -15.32 7.21
CA ASN B 213 9.21 -15.17 5.89
C ASN B 213 10.66 -14.66 5.87
N GLY B 214 11.25 -14.54 7.06
CA GLY B 214 12.64 -14.10 7.20
C GLY B 214 12.85 -12.59 7.08
N LYS B 215 11.77 -11.82 7.07
CA LYS B 215 11.83 -10.38 6.82
C LYS B 215 12.45 -9.55 7.94
N LEU B 216 12.63 -10.15 9.12
CA LEU B 216 13.30 -9.46 10.23
C LEU B 216 14.82 -9.63 10.16
N GLY B 217 15.28 -10.64 9.42
CA GLY B 217 16.71 -10.88 9.23
C GLY B 217 17.44 -11.39 10.46
N LEU B 218 16.68 -11.95 11.40
CA LEU B 218 17.23 -12.44 12.66
C LEU B 218 17.33 -13.96 12.66
N PRO B 219 18.33 -14.52 13.37
CA PRO B 219 18.41 -15.98 13.55
C PRO B 219 17.23 -16.51 14.36
N ASN B 220 16.93 -17.79 14.20
CA ASN B 220 15.75 -18.43 14.80
C ASN B 220 15.54 -18.18 16.30
N GLN B 221 16.63 -18.23 17.06
CA GLN B 221 16.56 -18.13 18.52
C GLN B 221 16.13 -16.75 19.05
N LEU B 222 16.14 -15.76 18.17
CA LEU B 222 15.75 -14.39 18.55
C LEU B 222 14.35 -14.01 18.07
N LEU B 223 13.76 -14.85 17.23
CA LEU B 223 12.44 -14.59 16.64
C LEU B 223 11.30 -14.52 17.66
N GLY B 224 11.46 -15.18 18.80
CA GLY B 224 10.48 -15.15 19.87
C GLY B 224 10.34 -13.78 20.52
N ASN B 225 11.36 -12.95 20.39
CA ASN B 225 11.38 -11.61 20.98
C ASN B 225 11.05 -10.50 19.96
N HIS B 226 10.19 -10.84 19.00
CA HIS B 226 9.88 -9.97 17.86
C HIS B 226 9.04 -8.73 18.21
N ARG B 227 8.48 -8.70 19.42
CA ARG B 227 7.61 -7.61 19.85
C ARG B 227 8.38 -6.44 20.46
N THR B 228 9.69 -6.58 20.55
CA THR B 228 10.57 -5.50 20.97
C THR B 228 11.71 -5.32 19.97
N PRO B 229 12.15 -4.06 19.74
CA PRO B 229 13.22 -3.82 18.76
C PRO B 229 14.50 -4.59 19.08
N GLN B 230 15.00 -5.34 18.09
CA GLN B 230 16.21 -6.15 18.25
C GLN B 230 17.25 -5.82 17.21
N LEU B 231 18.52 -5.85 17.63
CA LEU B 231 19.65 -5.55 16.75
C LEU B 231 19.89 -6.62 15.70
N VAL B 232 20.08 -6.19 14.46
CA VAL B 232 20.52 -7.06 13.38
C VAL B 232 22.05 -6.99 13.36
N SER B 233 22.68 -7.87 14.13
CA SER B 233 24.14 -7.86 14.31
C SER B 233 24.88 -8.57 13.18
N GLU B 234 24.14 -9.30 12.34
CA GLU B 234 24.73 -10.02 11.21
C GLU B 234 25.24 -9.11 10.10
N ILE B 235 24.76 -7.86 10.08
CA ILE B 235 25.33 -6.83 9.21
C ILE B 235 26.48 -6.15 9.96
N PRO B 236 27.72 -6.34 9.48
CA PRO B 236 28.90 -5.85 10.19
C PRO B 236 29.09 -4.32 10.08
N GLU B 237 28.86 -3.77 8.90
CA GLU B 237 29.09 -2.35 8.63
C GLU B 237 27.98 -1.48 9.21
N LYS B 238 28.26 -0.19 9.33
CA LYS B 238 27.29 0.79 9.82
C LYS B 238 26.15 1.00 8.81
N VAL B 239 24.93 0.91 9.33
CA VAL B 239 23.72 1.05 8.50
C VAL B 239 23.35 2.52 8.37
N ILE B 240 22.90 2.91 7.17
CA ILE B 240 22.51 4.29 6.89
C ILE B 240 21.00 4.43 6.68
N GLN B 241 20.43 3.54 5.87
CA GLN B 241 19.00 3.56 5.56
C GLN B 241 18.37 2.17 5.63
N VAL B 242 17.09 2.13 5.94
CA VAL B 242 16.30 0.90 5.86
C VAL B 242 14.96 1.18 5.20
N ALA B 243 14.49 0.23 4.39
CA ALA B 243 13.18 0.33 3.76
C ALA B 243 12.47 -1.02 3.87
N CYS B 244 11.30 -1.01 4.51
CA CYS B 244 10.54 -2.23 4.75
C CYS B 244 9.36 -2.33 3.78
N GLY B 245 9.19 -3.51 3.19
CA GLY B 245 8.13 -3.75 2.22
C GLY B 245 7.02 -4.60 2.78
N GLY B 246 6.36 -5.35 1.89
CA GLY B 246 5.28 -6.26 2.27
C GLY B 246 5.81 -7.46 3.05
N GLU B 247 6.73 -8.20 2.44
CA GLU B 247 7.34 -9.37 3.08
C GLU B 247 8.86 -9.37 2.94
N HIS B 248 9.44 -8.22 2.63
CA HIS B 248 10.89 -8.09 2.50
C HIS B 248 11.43 -6.80 3.10
N THR B 249 12.74 -6.75 3.29
CA THR B 249 13.43 -5.59 3.86
C THR B 249 14.66 -5.28 3.02
N VAL B 250 14.95 -4.00 2.86
CA VAL B 250 16.11 -3.53 2.12
C VAL B 250 16.94 -2.63 3.04
N VAL B 251 18.25 -2.83 3.03
CA VAL B 251 19.15 -2.11 3.94
C VAL B 251 20.31 -1.48 3.16
N LEU B 252 20.55 -0.20 3.41
CA LEU B 252 21.68 0.49 2.81
C LEU B 252 22.79 0.74 3.84
N THR B 253 23.99 0.28 3.53
CA THR B 253 25.17 0.55 4.35
C THR B 253 26.17 1.38 3.54
N GLU B 254 27.24 1.84 4.20
CA GLU B 254 28.32 2.57 3.52
C GLU B 254 29.27 1.64 2.76
N ASN B 255 28.82 0.42 2.50
CA ASN B 255 29.58 -0.56 1.72
C ASN B 255 28.74 -1.32 0.69
N ALA B 256 27.50 -1.64 1.05
CA ALA B 256 26.64 -2.47 0.20
C ALA B 256 25.15 -2.29 0.47
N VAL B 257 24.33 -2.90 -0.38
CA VAL B 257 22.89 -3.01 -0.16
C VAL B 257 22.55 -4.45 0.24
N TYR B 258 21.82 -4.59 1.34
CA TYR B 258 21.39 -5.90 1.84
C TYR B 258 19.89 -6.08 1.67
N THR B 259 19.46 -7.30 1.35
CA THR B 259 18.04 -7.64 1.35
C THR B 259 17.80 -8.96 2.09
N PHE B 260 16.61 -9.08 2.67
CA PHE B 260 16.16 -10.31 3.31
C PHE B 260 14.63 -10.38 3.35
N GLY B 261 14.10 -11.59 3.51
CA GLY B 261 12.65 -11.81 3.49
C GLY B 261 12.23 -12.65 2.29
N LEU B 262 11.01 -12.41 1.82
CA LEU B 262 10.48 -13.10 0.64
C LEU B 262 10.86 -12.40 -0.66
N GLY B 263 11.13 -13.19 -1.68
CA GLY B 263 11.49 -12.65 -3.00
C GLY B 263 10.95 -13.47 -4.15
N GLN B 264 9.70 -13.95 -4.02
CA GLN B 264 9.08 -14.78 -5.05
C GLN B 264 8.82 -14.03 -6.36
N PHE B 265 8.83 -12.70 -6.30
CA PHE B 265 8.63 -11.86 -7.49
C PHE B 265 9.93 -11.16 -7.93
N GLY B 266 11.01 -11.40 -7.20
CA GLY B 266 12.30 -10.80 -7.52
C GLY B 266 12.67 -9.60 -6.66
N GLN B 267 11.84 -9.31 -5.65
CA GLN B 267 11.99 -8.10 -4.84
C GLN B 267 13.23 -8.07 -3.93
N LEU B 268 13.95 -9.20 -3.84
CA LEU B 268 15.20 -9.26 -3.10
C LEU B 268 16.40 -8.86 -3.97
N GLY B 269 16.24 -8.99 -5.29
CA GLY B 269 17.29 -8.65 -6.25
C GLY B 269 18.53 -9.51 -6.18
N LEU B 270 18.37 -10.74 -5.71
CA LEU B 270 19.50 -11.65 -5.45
C LEU B 270 19.68 -12.74 -6.52
N GLY B 271 18.98 -12.61 -7.64
CA GLY B 271 19.09 -13.59 -8.72
C GLY B 271 17.82 -14.36 -9.00
N THR B 272 17.75 -14.94 -10.20
CA THR B 272 16.51 -15.52 -10.75
C THR B 272 15.80 -16.58 -9.91
N PHE B 273 16.55 -17.40 -9.19
CA PHE B 273 15.94 -18.49 -8.43
C PHE B 273 16.15 -18.43 -6.91
N LEU B 274 16.68 -17.32 -6.43
CA LEU B 274 16.81 -17.10 -4.98
C LEU B 274 15.50 -16.50 -4.49
N PHE B 275 14.62 -17.37 -4.00
CA PHE B 275 13.24 -16.99 -3.68
C PHE B 275 13.07 -16.38 -2.29
N GLU B 276 14.00 -16.66 -1.39
CA GLU B 276 13.93 -16.15 -0.01
C GLU B 276 15.26 -16.28 0.74
N THR B 277 15.39 -15.50 1.80
CA THR B 277 16.50 -15.62 2.74
C THR B 277 16.12 -15.04 4.12
N SER B 278 16.47 -15.77 5.17
CA SER B 278 16.15 -15.35 6.53
C SER B 278 17.28 -14.52 7.15
N GLU B 279 18.43 -14.54 6.49
CA GLU B 279 19.58 -13.73 6.90
C GLU B 279 19.93 -12.72 5.81
N PRO B 280 20.41 -11.52 6.19
CA PRO B 280 20.73 -10.48 5.23
C PRO B 280 21.77 -10.93 4.21
N LYS B 281 21.47 -10.68 2.93
CA LYS B 281 22.38 -11.01 1.83
C LYS B 281 22.69 -9.77 1.01
N VAL B 282 23.97 -9.61 0.65
CA VAL B 282 24.40 -8.52 -0.20
C VAL B 282 23.93 -8.75 -1.63
N ILE B 283 23.37 -7.71 -2.25
CA ILE B 283 23.11 -7.75 -3.68
C ILE B 283 24.47 -7.61 -4.38
N GLU B 284 25.00 -8.75 -4.81
CA GLU B 284 26.35 -8.81 -5.40
C GLU B 284 26.41 -8.15 -6.78
N ASN B 285 25.28 -8.10 -7.46
CA ASN B 285 25.17 -7.53 -8.81
C ASN B 285 25.54 -6.04 -8.87
N ILE B 286 25.29 -5.32 -7.77
CA ILE B 286 25.55 -3.87 -7.71
C ILE B 286 26.63 -3.51 -6.69
N ARG B 287 27.54 -4.46 -6.43
CA ARG B 287 28.57 -4.30 -5.39
C ARG B 287 29.54 -3.15 -5.69
N ASP B 288 29.79 -2.91 -6.97
CA ASP B 288 30.65 -1.83 -7.42
C ASP B 288 29.91 -0.49 -7.55
N GLN B 289 28.58 -0.57 -7.45
CA GLN B 289 27.71 0.60 -7.63
C GLN B 289 27.36 1.25 -6.29
N THR B 290 27.62 2.55 -6.19
CA THR B 290 27.27 3.33 -4.99
C THR B 290 25.80 3.75 -5.07
N ILE B 291 25.07 3.45 -4.01
CA ILE B 291 23.64 3.76 -3.91
C ILE B 291 23.39 4.88 -2.90
N SER B 292 22.62 5.89 -3.32
CA SER B 292 22.35 7.05 -2.47
C SER B 292 21.03 7.00 -1.73
N TYR B 293 20.06 6.26 -2.28
CA TYR B 293 18.72 6.16 -1.68
C TYR B 293 18.05 4.84 -2.01
N ILE B 294 17.30 4.32 -1.03
CA ILE B 294 16.55 3.07 -1.20
C ILE B 294 15.06 3.29 -0.93
N SER B 295 14.22 2.63 -1.73
CA SER B 295 12.78 2.70 -1.57
C SER B 295 12.15 1.32 -1.72
N CYS B 296 11.09 1.07 -0.94
CA CYS B 296 10.43 -0.31 -0.97
CA CYS B 296 10.47 -0.24 -0.87
C CYS B 296 8.97 -0.14 -1.12
N GLY B 297 8.47 -0.95 -2.05
CA GLY B 297 7.03 -1.14 -2.23
C GLY B 297 6.60 -2.44 -1.57
N GLU B 298 5.34 -2.80 -1.72
CA GLU B 298 4.83 -4.07 -1.18
C GLU B 298 5.66 -5.25 -1.68
N ASN B 299 5.88 -5.32 -2.99
CA ASN B 299 6.68 -6.38 -3.58
C ASN B 299 7.63 -5.94 -4.71
N HIS B 300 8.07 -4.70 -4.65
CA HIS B 300 9.17 -4.25 -5.50
C HIS B 300 10.08 -3.24 -4.79
N THR B 301 11.22 -2.95 -5.40
CA THR B 301 12.26 -2.15 -4.77
C THR B 301 12.87 -1.20 -5.80
N ALA B 302 13.20 0.02 -5.36
CA ALA B 302 13.90 0.98 -6.20
C ALA B 302 15.15 1.51 -5.50
N LEU B 303 16.20 1.72 -6.28
CA LEU B 303 17.46 2.24 -5.78
C LEU B 303 17.90 3.42 -6.64
N ILE B 304 18.22 4.54 -6.01
CA ILE B 304 18.82 5.68 -6.71
C ILE B 304 20.33 5.63 -6.50
N THR B 305 21.08 5.75 -7.58
CA THR B 305 22.55 5.65 -7.51
C THR B 305 23.19 6.98 -7.10
N ASP B 306 24.52 6.96 -7.00
CA ASP B 306 25.32 8.14 -6.66
C ASP B 306 25.18 9.30 -7.65
N ILE B 307 24.82 8.98 -8.90
CA ILE B 307 24.70 10.00 -9.94
C ILE B 307 23.26 10.20 -10.44
N GLY B 308 22.30 9.64 -9.71
CA GLY B 308 20.88 9.86 -10.01
C GLY B 308 20.27 8.94 -11.04
N LEU B 309 20.92 7.80 -11.28
CA LEU B 309 20.30 6.75 -12.07
C LEU B 309 19.43 5.89 -11.16
N MET B 310 18.51 5.13 -11.74
CA MET B 310 17.62 4.30 -10.94
C MET B 310 17.60 2.85 -11.39
N TYR B 311 17.69 1.95 -10.42
CA TYR B 311 17.55 0.52 -10.64
C TYR B 311 16.33 0.02 -9.89
N THR B 312 15.53 -0.80 -10.56
CA THR B 312 14.36 -1.41 -9.92
C THR B 312 14.36 -2.92 -10.11
N PHE B 313 13.64 -3.61 -9.21
CA PHE B 313 13.48 -5.05 -9.27
C PHE B 313 12.26 -5.49 -8.47
N GLY B 314 11.72 -6.65 -8.81
CA GLY B 314 10.53 -7.17 -8.16
C GLY B 314 9.39 -7.38 -9.13
N ASP B 315 8.17 -7.37 -8.60
CA ASP B 315 6.94 -7.57 -9.37
C ASP B 315 6.76 -6.48 -10.42
N GLY B 316 6.59 -6.90 -11.67
CA GLY B 316 6.47 -5.96 -12.79
C GLY B 316 5.06 -5.63 -13.22
N ARG B 317 4.07 -6.18 -12.52
CA ARG B 317 2.67 -6.00 -12.88
C ARG B 317 2.28 -4.52 -13.08
N HIS B 318 1.60 -4.25 -14.20
CA HIS B 318 1.12 -2.92 -14.57
C HIS B 318 2.20 -1.89 -14.90
N GLY B 319 3.45 -2.34 -15.00
CA GLY B 319 4.57 -1.49 -15.37
C GLY B 319 5.11 -0.65 -14.22
N LYS B 320 4.89 -1.11 -13.00
CA LYS B 320 5.28 -0.34 -11.80
C LYS B 320 6.78 -0.29 -11.53
N LEU B 321 7.56 -1.12 -12.23
CA LEU B 321 9.02 -1.08 -12.13
C LEU B 321 9.64 0.09 -12.88
N GLY B 322 8.84 0.72 -13.75
CA GLY B 322 9.27 1.89 -14.52
C GLY B 322 10.35 1.58 -15.55
N LEU B 323 10.27 0.41 -16.16
CA LEU B 323 11.29 -0.04 -17.12
C LEU B 323 10.82 0.12 -18.57
N GLY B 324 9.64 -0.39 -18.88
CA GLY B 324 9.07 -0.30 -20.22
C GLY B 324 7.55 -0.30 -20.21
N LEU B 325 6.96 0.31 -21.23
CA LEU B 325 5.50 0.41 -21.35
C LEU B 325 4.83 -0.90 -21.73
N GLU B 326 5.56 -1.76 -22.44
CA GLU B 326 5.05 -3.05 -22.89
C GLU B 326 5.51 -4.20 -22.00
N ASN B 327 6.57 -3.96 -21.22
CA ASN B 327 7.13 -4.96 -20.33
C ASN B 327 6.46 -4.98 -18.95
N PHE B 328 5.97 -6.16 -18.56
CA PHE B 328 5.32 -6.33 -17.26
C PHE B 328 5.93 -7.50 -16.48
N THR B 329 7.06 -8.01 -16.96
CA THR B 329 7.70 -9.18 -16.37
C THR B 329 8.39 -8.87 -15.05
N ASN B 330 8.51 -9.88 -14.19
CA ASN B 330 9.21 -9.75 -12.92
C ASN B 330 10.71 -9.70 -13.12
N HIS B 331 11.40 -8.88 -12.32
CA HIS B 331 12.84 -8.75 -12.41
C HIS B 331 13.54 -9.17 -11.13
N PHE B 332 14.42 -10.14 -11.24
CA PHE B 332 15.08 -10.77 -10.09
C PHE B 332 16.46 -10.20 -9.78
N ILE B 333 16.95 -9.32 -10.65
CA ILE B 333 18.18 -8.56 -10.40
C ILE B 333 17.90 -7.07 -10.63
N PRO B 334 18.62 -6.18 -9.90
CA PRO B 334 18.45 -4.74 -10.13
C PRO B 334 18.65 -4.40 -11.61
N THR B 335 17.63 -3.77 -12.19
CA THR B 335 17.62 -3.46 -13.62
C THR B 335 17.55 -1.96 -13.84
N LEU B 336 18.47 -1.45 -14.65
CA LEU B 336 18.56 -0.02 -14.94
C LEU B 336 17.29 0.49 -15.62
N CYS B 337 16.77 1.59 -15.11
CA CYS B 337 15.67 2.30 -15.75
C CYS B 337 16.24 3.15 -16.87
N SER B 338 16.45 2.51 -18.03
CA SER B 338 17.08 3.15 -19.18
C SER B 338 16.24 4.27 -19.80
N ASN B 339 14.95 4.26 -19.51
CA ASN B 339 14.05 5.35 -19.89
C ASN B 339 14.40 6.67 -19.18
N PHE B 340 15.15 6.57 -18.08
CA PHE B 340 15.60 7.74 -17.32
C PHE B 340 17.11 8.00 -17.47
N LEU B 341 17.75 7.39 -18.45
CA LEU B 341 19.20 7.55 -18.67
C LEU B 341 19.63 9.00 -18.92
N ARG B 342 18.76 9.76 -19.59
CA ARG B 342 19.01 11.18 -19.85
C ARG B 342 18.46 12.07 -18.73
N PHE B 343 18.17 11.47 -17.58
CA PHE B 343 17.55 12.16 -16.46
C PHE B 343 18.34 12.01 -15.16
N ILE B 344 18.14 12.96 -14.24
CA ILE B 344 18.52 12.79 -12.85
C ILE B 344 17.26 12.44 -12.07
N VAL B 345 17.22 11.23 -11.51
CA VAL B 345 16.12 10.84 -10.63
C VAL B 345 16.41 11.40 -9.24
N LYS B 346 15.56 12.33 -8.81
CA LYS B 346 15.78 13.07 -7.56
C LYS B 346 15.00 12.49 -6.40
N LEU B 347 13.79 12.01 -6.67
CA LEU B 347 12.94 11.41 -5.64
C LEU B 347 12.21 10.20 -6.22
N VAL B 348 12.00 9.21 -5.35
CA VAL B 348 11.21 8.03 -5.71
C VAL B 348 10.44 7.53 -4.49
N ALA B 349 9.22 7.06 -4.73
CA ALA B 349 8.42 6.39 -3.72
C ALA B 349 7.70 5.21 -4.37
N CYS B 350 7.64 4.10 -3.64
CA CYS B 350 7.07 2.86 -4.15
C CYS B 350 5.85 2.44 -3.34
N GLY B 351 4.77 2.12 -4.03
CA GLY B 351 3.53 1.69 -3.40
C GLY B 351 3.23 0.23 -3.62
N GLY B 352 1.95 -0.12 -3.47
CA GLY B 352 1.52 -1.52 -3.61
C GLY B 352 1.39 -1.97 -5.04
N CYS B 353 0.88 -1.08 -5.89
CA CYS B 353 0.64 -1.40 -7.30
C CYS B 353 1.13 -0.29 -8.24
N HIS B 354 2.01 0.56 -7.72
CA HIS B 354 2.44 1.77 -8.42
C HIS B 354 3.77 2.31 -7.89
N MET B 355 4.34 3.24 -8.63
CA MET B 355 5.57 3.94 -8.25
C MET B 355 5.52 5.37 -8.78
N VAL B 356 6.05 6.31 -7.99
CA VAL B 356 6.07 7.72 -8.37
C VAL B 356 7.52 8.23 -8.35
N VAL B 357 7.90 8.90 -9.43
CA VAL B 357 9.29 9.34 -9.64
C VAL B 357 9.34 10.82 -9.98
N PHE B 358 10.20 11.56 -9.29
CA PHE B 358 10.52 12.94 -9.68
C PHE B 358 11.89 12.98 -10.33
N ALA B 359 11.92 13.32 -11.61
CA ALA B 359 13.15 13.33 -12.40
C ALA B 359 13.24 14.55 -13.32
N ALA B 360 14.46 15.02 -13.56
CA ALA B 360 14.71 16.16 -14.43
C ALA B 360 15.71 15.78 -15.54
N PRO B 361 15.43 16.21 -16.79
CA PRO B 361 16.30 15.85 -17.92
C PRO B 361 17.60 16.65 -17.94
N HIS B 362 18.64 16.07 -18.55
CA HIS B 362 19.93 16.76 -18.70
C HIS B 362 19.84 17.87 -19.73
#